data_3OOD
#
_entry.id   3OOD
#
_cell.length_a   109.000
_cell.length_b   109.000
_cell.length_c   62.000
_cell.angle_alpha   90.00
_cell.angle_beta   90.00
_cell.angle_gamma   120.00
#
_symmetry.space_group_name_H-M   'P 31 2 1'
#
loop_
_entity.id
_entity.type
_entity.pdbx_description
1 polymer Phosphotriesterase
2 non-polymer 'COBALT (II) ION'
3 non-polymer 'DIETHYL 4-METHOXYPHENYL PHOSPHATE'
4 water water
#
_entity_poly.entity_id   1
_entity_poly.type   'polypeptide(L)'
_entity_poly.pdbx_seq_one_letter_code
;TGDLINTVRGPIPVSEAGFTLTHEHICGSSAGFLRAWPEFFGSRKALAEKAVRGLRHARSAGVQTIVDVSTFDIGRDVRL
LAEVSRAADVHIVAATGLWFDPPLSMRMRSVEELTQFFLREIQHGIEDTGIRAGII(KCX)VATTGKATPFQELVLKAAA
RASLATGVPVTTHTSASQRDGEQQAAIFESEGLSPSRVCIGHSDDTDDLSYLTGLAARGYLVGLDRMPFSAIGLEGNASA
LALFGTRSWQTRALLIKALIDRGYKDRILVSHDWLFGFSSYVTNIMDVMDRINPDGMAFVPLRVIPFLREKGVPPETLAG
VTVANPARFLSPT
;
_entity_poly.pdbx_strand_id   A
#
loop_
_chem_comp.id
_chem_comp.type
_chem_comp.name
_chem_comp.formula
CO non-polymer 'COBALT (II) ION' 'Co 2'
EPL non-polymer 'DIETHYL 4-METHOXYPHENYL PHOSPHATE' 'C11 H17 O5 P'
#
# COMPACT_ATOMS: atom_id res chain seq x y z
CA THR A 1 -12.63 -19.60 -8.62
C THR A 1 -12.65 -20.14 -7.18
N GLY A 2 -13.57 -19.63 -6.37
CA GLY A 2 -13.74 -20.11 -5.00
C GLY A 2 -13.03 -19.31 -3.93
N ASP A 3 -11.78 -18.92 -4.17
CA ASP A 3 -11.01 -18.13 -3.19
C ASP A 3 -11.66 -16.75 -3.06
N LEU A 4 -11.68 -16.23 -1.83
CA LEU A 4 -12.38 -14.98 -1.54
C LEU A 4 -11.48 -13.98 -0.84
N ILE A 5 -11.70 -12.71 -1.12
CA ILE A 5 -11.04 -11.66 -0.37
C ILE A 5 -12.08 -10.69 0.21
N ASN A 6 -11.82 -10.25 1.43
CA ASN A 6 -12.68 -9.27 2.05
C ASN A 6 -12.40 -7.85 1.56
N THR A 7 -13.47 -7.17 1.17
CA THR A 7 -13.42 -5.76 0.76
C THR A 7 -14.31 -4.97 1.70
N VAL A 8 -14.28 -3.65 1.60
CA VAL A 8 -15.14 -2.79 2.42
C VAL A 8 -16.63 -2.95 2.06
N ARG A 9 -16.93 -3.60 0.93
CA ARG A 9 -18.32 -3.88 0.57
C ARG A 9 -18.69 -5.34 0.76
N GLY A 10 -17.81 -6.09 1.44
CA GLY A 10 -18.02 -7.50 1.68
C GLY A 10 -17.09 -8.39 0.87
N PRO A 11 -17.35 -9.71 0.89
CA PRO A 11 -16.53 -10.68 0.20
C PRO A 11 -16.64 -10.56 -1.33
N ILE A 12 -15.51 -10.73 -2.02
CA ILE A 12 -15.52 -10.88 -3.47
C ILE A 12 -14.65 -12.07 -3.88
N PRO A 13 -14.96 -12.68 -5.03
CA PRO A 13 -14.08 -13.71 -5.56
C PRO A 13 -12.73 -13.08 -5.89
N VAL A 14 -11.65 -13.75 -5.50
CA VAL A 14 -10.26 -13.38 -5.88
C VAL A 14 -10.15 -13.06 -7.39
N SER A 15 -10.81 -13.86 -8.23
CA SER A 15 -10.74 -13.66 -9.69
C SER A 15 -11.43 -12.39 -10.18
N GLU A 16 -12.21 -11.74 -9.31
CA GLU A 16 -12.83 -10.48 -9.70
C GLU A 16 -12.02 -9.27 -9.27
N ALA A 17 -10.94 -9.50 -8.54
CA ALA A 17 -10.03 -8.39 -8.15
C ALA A 17 -9.49 -7.68 -9.39
N GLY A 18 -9.11 -8.46 -10.40
CA GLY A 18 -8.56 -7.91 -11.65
C GLY A 18 -7.33 -7.03 -11.42
N PHE A 19 -7.21 -5.97 -12.22
CA PHE A 19 -6.08 -5.07 -12.14
C PHE A 19 -6.13 -4.38 -10.78
N THR A 20 -5.14 -4.67 -9.94
CA THR A 20 -5.17 -4.27 -8.54
C THR A 20 -3.95 -3.45 -8.17
N LEU A 21 -4.20 -2.29 -7.56
CA LEU A 21 -3.14 -1.45 -7.03
C LEU A 21 -3.01 -1.82 -5.55
N THR A 22 -1.84 -2.32 -5.16
CA THR A 22 -1.68 -2.95 -3.84
C THR A 22 -1.19 -2.05 -2.69
N HIS A 23 -0.85 -0.79 -2.97
CA HIS A 23 -0.48 0.14 -1.88
C HIS A 23 -1.00 1.53 -2.24
N GLU A 24 -2.18 1.83 -1.72
CA GLU A 24 -2.88 3.08 -2.01
C GLU A 24 -3.57 3.53 -0.73
N HIS A 25 -4.07 4.77 -0.75
CA HIS A 25 -4.87 5.29 0.38
C HIS A 25 -5.98 6.13 -0.18
N ILE A 26 -7.15 6.07 0.44
CA ILE A 26 -8.16 7.09 0.16
C ILE A 26 -7.71 8.42 0.80
N CYS A 27 -7.26 8.31 2.05
CA CYS A 27 -6.85 9.48 2.82
C CYS A 27 -5.72 9.13 3.78
N GLY A 28 -4.60 9.85 3.71
CA GLY A 28 -3.49 9.69 4.68
C GLY A 28 -3.69 10.66 5.85
N SER A 29 -4.06 10.13 7.01
CA SER A 29 -4.46 10.98 8.13
C SER A 29 -3.99 10.39 9.45
N SER A 30 -4.77 10.59 10.51
CA SER A 30 -4.44 10.07 11.82
C SER A 30 -5.72 9.60 12.48
N ALA A 31 -5.61 8.64 13.40
CA ALA A 31 -6.81 8.11 14.08
C ALA A 31 -7.65 9.26 14.64
N GLY A 32 -8.95 9.23 14.37
CA GLY A 32 -9.89 10.20 14.91
C GLY A 32 -9.88 11.55 14.23
N PHE A 33 -8.90 11.80 13.35
CA PHE A 33 -8.72 13.15 12.78
C PHE A 33 -9.85 13.56 11.83
N LEU A 34 -10.23 12.68 10.92
CA LEU A 34 -11.31 13.02 9.99
C LEU A 34 -12.64 13.28 10.74
N ARG A 35 -12.87 12.54 11.80
CA ARG A 35 -14.03 12.73 12.67
C ARG A 35 -14.00 14.06 13.45
N ALA A 36 -12.83 14.43 13.96
CA ALA A 36 -12.71 15.62 14.81
C ALA A 36 -12.54 16.91 14.02
N TRP A 37 -11.95 16.81 12.82
CA TRP A 37 -11.62 18.01 12.05
C TRP A 37 -11.79 17.79 10.53
N PRO A 38 -13.01 17.45 10.08
CA PRO A 38 -13.23 17.16 8.65
C PRO A 38 -12.99 18.39 7.77
N GLU A 39 -13.11 19.58 8.36
CA GLU A 39 -12.90 20.83 7.62
C GLU A 39 -11.47 20.95 7.14
N PHE A 40 -10.55 20.22 7.77
CA PHE A 40 -9.18 20.21 7.30
C PHE A 40 -9.15 19.82 5.80
N PHE A 41 -10.09 18.97 5.39
CA PHE A 41 -10.15 18.48 4.01
C PHE A 41 -11.22 19.21 3.20
N GLY A 42 -11.60 20.41 3.66
CA GLY A 42 -12.76 21.11 3.10
C GLY A 42 -13.98 20.62 3.83
N SER A 43 -14.35 19.37 3.58
CA SER A 43 -15.39 18.69 4.35
C SER A 43 -15.26 17.23 4.02
N ARG A 44 -15.92 16.40 4.81
CA ARG A 44 -15.96 14.99 4.53
C ARG A 44 -16.60 14.75 3.14
N LYS A 45 -17.68 15.48 2.85
CA LYS A 45 -18.34 15.35 1.54
C LYS A 45 -17.39 15.69 0.37
N ALA A 46 -16.61 16.76 0.51
CA ALA A 46 -15.62 17.14 -0.52
C ALA A 46 -14.57 16.04 -0.71
N LEU A 47 -14.07 15.50 0.41
CA LEU A 47 -13.10 14.42 0.38
C LEU A 47 -13.63 13.19 -0.36
N ALA A 48 -14.84 12.77 0.02
CA ALA A 48 -15.49 11.62 -0.62
C ALA A 48 -15.68 11.85 -2.13
N GLU A 49 -16.17 13.03 -2.52
CA GLU A 49 -16.43 13.31 -3.94
C GLU A 49 -15.14 13.27 -4.74
N LYS A 50 -14.08 13.86 -4.18
CA LYS A 50 -12.75 13.85 -4.81
C LYS A 50 -12.24 12.42 -4.99
N ALA A 51 -12.38 11.60 -3.94
CA ALA A 51 -11.97 10.20 -3.99
C ALA A 51 -12.79 9.44 -5.04
N VAL A 52 -14.10 9.66 -5.08
CA VAL A 52 -14.93 8.99 -6.11
C VAL A 52 -14.49 9.38 -7.54
N ARG A 53 -14.25 10.67 -7.77
CA ARG A 53 -13.77 11.10 -9.10
C ARG A 53 -12.44 10.42 -9.44
N GLY A 54 -11.52 10.37 -8.47
CA GLY A 54 -10.22 9.73 -8.68
C GLY A 54 -10.30 8.25 -8.96
N LEU A 55 -11.15 7.57 -8.21
CA LEU A 55 -11.34 6.12 -8.37
C LEU A 55 -12.06 5.81 -9.69
N ARG A 56 -13.01 6.65 -10.08
CA ARG A 56 -13.67 6.48 -11.39
C ARG A 56 -12.66 6.62 -12.54
N HIS A 57 -11.74 7.57 -12.40
CA HIS A 57 -10.66 7.76 -13.39
C HIS A 57 -9.73 6.53 -13.48
N ALA A 58 -9.32 6.01 -12.32
CA ALA A 58 -8.53 4.77 -12.25
C ALA A 58 -9.32 3.62 -12.89
N ARG A 59 -10.60 3.53 -12.58
CA ARG A 59 -11.45 2.48 -13.15
C ARG A 59 -11.52 2.56 -14.68
N SER A 60 -11.75 3.77 -15.18
CA SER A 60 -11.80 4.00 -16.63
C SER A 60 -10.47 3.54 -17.28
N ALA A 61 -9.35 3.75 -16.60
CA ALA A 61 -8.02 3.29 -17.05
C ALA A 61 -7.77 1.81 -16.83
N GLY A 62 -8.74 1.10 -16.25
CA GLY A 62 -8.65 -0.35 -16.12
C GLY A 62 -8.40 -0.88 -14.71
N VAL A 63 -8.29 0.02 -13.73
CA VAL A 63 -8.09 -0.42 -12.33
C VAL A 63 -9.41 -0.97 -11.77
N GLN A 64 -9.37 -2.18 -11.24
CA GLN A 64 -10.60 -2.77 -10.70
C GLN A 64 -10.66 -2.78 -9.17
N THR A 65 -9.47 -2.81 -8.55
CA THR A 65 -9.33 -2.98 -7.10
C THR A 65 -8.13 -2.17 -6.60
N ILE A 66 -8.30 -1.53 -5.44
CA ILE A 66 -7.13 -0.98 -4.75
C ILE A 66 -7.10 -1.57 -3.36
N VAL A 67 -5.88 -1.65 -2.82
CA VAL A 67 -5.70 -2.07 -1.43
C VAL A 67 -5.35 -0.79 -0.68
N ASP A 68 -6.28 -0.34 0.17
CA ASP A 68 -6.04 0.86 0.98
C ASP A 68 -5.28 0.39 2.21
N VAL A 69 -3.99 0.70 2.26
CA VAL A 69 -3.13 0.22 3.35
C VAL A 69 -3.05 1.20 4.54
N SER A 70 -4.12 1.98 4.71
CA SER A 70 -4.26 2.88 5.86
C SER A 70 -4.61 2.03 7.07
N THR A 71 -3.76 2.10 8.07
CA THR A 71 -3.98 1.49 9.37
C THR A 71 -4.80 2.39 10.28
N PHE A 72 -5.15 1.90 11.46
CA PHE A 72 -5.65 2.72 12.57
C PHE A 72 -4.96 4.10 12.65
N ASP A 73 -3.62 4.11 12.69
CA ASP A 73 -2.86 5.35 12.92
C ASP A 73 -2.64 6.22 11.70
N ILE A 74 -3.03 5.72 10.54
CA ILE A 74 -3.19 6.51 9.31
C ILE A 74 -4.61 7.09 9.24
N GLY A 75 -5.39 6.82 10.27
CA GLY A 75 -6.76 7.35 10.37
C GLY A 75 -7.72 6.73 9.38
N ARG A 76 -7.45 5.49 8.98
CA ARG A 76 -8.38 4.67 8.19
C ARG A 76 -9.82 4.89 8.66
N ASP A 77 -10.69 5.24 7.72
CA ASP A 77 -12.12 5.40 8.00
C ASP A 77 -12.86 4.47 7.08
N VAL A 78 -13.17 3.30 7.61
CA VAL A 78 -13.73 2.22 6.82
C VAL A 78 -15.11 2.56 6.21
N ARG A 79 -15.88 3.40 6.90
CA ARG A 79 -17.14 3.86 6.33
C ARG A 79 -16.92 4.72 5.10
N LEU A 80 -15.93 5.60 5.18
CA LEU A 80 -15.51 6.38 4.01
C LEU A 80 -15.12 5.49 2.83
N LEU A 81 -14.28 4.49 3.10
CA LEU A 81 -13.84 3.54 2.07
C LEU A 81 -15.05 2.86 1.40
N ALA A 82 -15.98 2.39 2.23
CA ALA A 82 -17.17 1.71 1.70
C ALA A 82 -18.00 2.65 0.83
N GLU A 83 -18.18 3.88 1.29
CA GLU A 83 -18.97 4.86 0.55
C GLU A 83 -18.35 5.14 -0.84
N VAL A 84 -17.05 5.38 -0.86
CA VAL A 84 -16.38 5.73 -2.13
C VAL A 84 -16.24 4.52 -3.05
N SER A 85 -16.02 3.34 -2.45
CA SER A 85 -15.96 2.09 -3.20
C SER A 85 -17.29 1.86 -3.94
N ARG A 86 -18.39 2.02 -3.21
CA ARG A 86 -19.72 1.84 -3.76
C ARG A 86 -20.01 2.82 -4.89
N ALA A 87 -19.71 4.09 -4.65
CA ALA A 87 -19.96 5.15 -5.64
C ALA A 87 -19.11 5.05 -6.91
N ALA A 88 -17.83 4.66 -6.76
CA ALA A 88 -16.91 4.54 -7.90
C ALA A 88 -16.91 3.18 -8.59
N ASP A 89 -17.56 2.20 -7.96
CA ASP A 89 -17.52 0.82 -8.45
C ASP A 89 -16.08 0.30 -8.59
N VAL A 90 -15.27 0.55 -7.56
CA VAL A 90 -13.92 0.01 -7.50
C VAL A 90 -13.84 -0.70 -6.16
N HIS A 91 -13.37 -1.94 -6.15
CA HIS A 91 -13.20 -2.70 -4.90
C HIS A 91 -12.12 -2.06 -4.06
N ILE A 92 -12.34 -2.01 -2.75
CA ILE A 92 -11.30 -1.53 -1.83
C ILE A 92 -11.10 -2.53 -0.70
N VAL A 93 -9.85 -2.98 -0.56
CA VAL A 93 -9.46 -3.90 0.51
C VAL A 93 -8.91 -3.03 1.62
N ALA A 94 -9.45 -3.21 2.83
CA ALA A 94 -8.98 -2.42 3.96
C ALA A 94 -7.87 -3.16 4.72
N ALA A 95 -7.16 -2.42 5.57
CA ALA A 95 -5.98 -2.91 6.29
C ALA A 95 -6.15 -2.85 7.78
N THR A 96 -5.48 -3.77 8.48
CA THR A 96 -5.17 -3.59 9.89
C THR A 96 -3.65 -3.38 10.00
N GLY A 97 -3.11 -3.47 11.22
CA GLY A 97 -1.69 -3.22 11.47
C GLY A 97 -1.46 -1.85 12.07
N LEU A 98 -0.19 -1.44 12.12
CA LEU A 98 0.20 -0.12 12.59
C LEU A 98 1.34 0.44 11.74
N TRP A 99 1.22 1.71 11.39
CA TRP A 99 2.22 2.45 10.61
C TRP A 99 3.15 3.05 11.66
N PHE A 100 3.86 4.13 11.34
CA PHE A 100 4.88 4.63 12.27
C PHE A 100 4.41 5.80 13.15
N ASP A 101 3.10 5.96 13.30
CA ASP A 101 2.56 6.99 14.18
C ASP A 101 1.57 6.45 15.24
N PRO A 102 1.88 5.30 15.87
CA PRO A 102 0.93 4.77 16.86
C PRO A 102 0.88 5.64 18.11
N PRO A 103 -0.32 5.83 18.70
CA PRO A 103 -0.44 6.60 19.93
C PRO A 103 0.01 5.75 21.10
N LEU A 104 0.07 6.36 22.27
CA LEU A 104 0.53 5.64 23.45
C LEU A 104 -0.31 4.39 23.75
N SER A 105 -1.62 4.47 23.52
CA SER A 105 -2.48 3.31 23.80
C SER A 105 -2.13 2.07 22.97
N MET A 106 -1.48 2.28 21.83
CA MET A 106 -0.87 1.19 21.06
C MET A 106 0.58 0.92 21.47
N ARG A 107 1.40 1.97 21.57
CA ARG A 107 2.82 1.83 21.93
C ARG A 107 3.08 1.10 23.25
N MET A 108 2.12 1.12 24.17
CA MET A 108 2.28 0.44 25.46
C MET A 108 1.92 -1.04 25.42
N ARG A 109 1.45 -1.53 24.27
CA ARG A 109 0.92 -2.88 24.17
C ARG A 109 1.99 -3.93 23.90
N SER A 110 1.69 -5.14 24.35
CA SER A 110 2.59 -6.28 24.17
C SER A 110 2.34 -6.91 22.80
N VAL A 111 3.24 -7.79 22.39
CA VAL A 111 3.00 -8.53 21.14
C VAL A 111 1.68 -9.30 21.20
N GLU A 112 1.37 -9.90 22.35
CA GLU A 112 0.11 -10.64 22.49
C GLU A 112 -1.11 -9.72 22.31
N GLU A 113 -1.05 -8.55 22.92
CA GLU A 113 -2.14 -7.57 22.84
C GLU A 113 -2.32 -7.05 21.41
N LEU A 114 -1.21 -6.71 20.76
CA LEU A 114 -1.27 -6.28 19.35
C LEU A 114 -1.82 -7.34 18.43
N THR A 115 -1.43 -8.59 18.66
CA THR A 115 -1.97 -9.72 17.89
C THR A 115 -3.49 -9.78 18.00
N GLN A 116 -3.99 -9.60 19.21
CA GLN A 116 -5.42 -9.65 19.44
C GLN A 116 -6.15 -8.50 18.71
N PHE A 117 -5.53 -7.33 18.73
CA PHE A 117 -6.07 -6.20 17.99
C PHE A 117 -6.12 -6.45 16.46
N PHE A 118 -5.00 -6.91 15.89
CA PHE A 118 -4.98 -7.18 14.44
C PHE A 118 -6.00 -8.26 14.10
N LEU A 119 -6.09 -9.31 14.91
CA LEU A 119 -7.07 -10.40 14.68
C LEU A 119 -8.52 -9.89 14.78
N ARG A 120 -8.79 -8.99 15.73
CA ARG A 120 -10.12 -8.36 15.80
C ARG A 120 -10.51 -7.74 14.45
N GLU A 121 -9.60 -6.95 13.90
CA GLU A 121 -9.90 -6.23 12.67
C GLU A 121 -10.03 -7.15 11.45
N ILE A 122 -9.32 -8.27 11.47
CA ILE A 122 -9.37 -9.26 10.38
C ILE A 122 -10.59 -10.19 10.52
N GLN A 123 -10.82 -10.66 11.75
CA GLN A 123 -11.79 -11.74 11.99
C GLN A 123 -13.16 -11.28 12.42
N HIS A 124 -13.23 -10.19 13.17
CA HIS A 124 -14.49 -9.67 13.74
C HIS A 124 -14.99 -8.52 12.88
N GLY A 125 -14.12 -7.55 12.65
CA GLY A 125 -14.47 -6.39 11.86
C GLY A 125 -13.81 -5.18 12.48
N ILE A 126 -13.74 -4.12 11.69
CA ILE A 126 -13.13 -2.88 12.13
C ILE A 126 -14.20 -2.05 12.85
N GLU A 127 -13.85 -1.58 14.05
CA GLU A 127 -14.74 -0.80 14.92
C GLU A 127 -16.02 -1.59 15.10
N ASP A 128 -17.16 -0.95 14.86
CA ASP A 128 -18.45 -1.66 14.98
C ASP A 128 -19.07 -1.93 13.60
N THR A 129 -18.26 -1.93 12.55
CA THR A 129 -18.79 -2.01 11.18
C THR A 129 -18.94 -3.40 10.58
N GLY A 130 -18.29 -4.39 11.17
CA GLY A 130 -18.25 -5.71 10.52
C GLY A 130 -17.39 -5.77 9.25
N ILE A 131 -16.78 -4.65 8.85
CA ILE A 131 -15.87 -4.66 7.69
C ILE A 131 -14.53 -5.26 8.10
N ARG A 132 -14.08 -6.28 7.37
CA ARG A 132 -12.90 -6.99 7.76
C ARG A 132 -11.69 -6.58 6.93
N ALA A 133 -10.55 -6.44 7.61
CA ALA A 133 -9.27 -6.16 6.95
C ALA A 133 -8.82 -7.34 6.10
N GLY A 134 -8.28 -7.06 4.91
CA GLY A 134 -7.75 -8.10 4.03
C GLY A 134 -6.23 -8.06 3.91
N ILE A 135 -5.59 -7.24 4.74
CA ILE A 135 -4.12 -7.10 4.71
C ILE A 135 -3.66 -6.50 6.04
N ILE A 136 -2.41 -6.74 6.41
CA ILE A 136 -1.81 -6.15 7.60
C ILE A 136 -0.63 -5.28 7.18
N KCX A 137 -0.70 -4.02 7.55
CA KCX A 137 0.30 -3.03 7.20
CB KCX A 137 -0.38 -1.75 6.72
CG KCX A 137 0.53 -0.53 6.67
CD KCX A 137 1.57 -0.63 5.55
CE KCX A 137 2.45 0.64 5.53
NZ KCX A 137 1.63 1.75 4.99
C KCX A 137 1.20 -2.76 8.42
O KCX A 137 0.71 -2.59 9.52
CX KCX A 137 2.10 2.85 4.41
OQ1 KCX A 137 1.31 3.70 3.97
OQ2 KCX A 137 3.32 3.01 4.30
N VAL A 138 2.52 -2.75 8.20
CA VAL A 138 3.47 -2.43 9.27
C VAL A 138 4.53 -1.47 8.70
N ALA A 139 5.39 -0.96 9.58
CA ALA A 139 6.34 0.08 9.19
C ALA A 139 7.59 0.10 10.07
N THR A 140 8.72 0.32 9.41
CA THR A 140 9.92 0.81 10.07
C THR A 140 10.41 2.01 9.28
N THR A 141 11.25 2.83 9.90
CA THR A 141 11.94 3.92 9.21
C THR A 141 13.41 3.89 9.63
N GLY A 142 14.16 2.96 9.05
CA GLY A 142 15.49 2.59 9.53
C GLY A 142 15.33 1.38 10.44
N LYS A 143 16.30 1.19 11.33
CA LYS A 143 16.26 0.09 12.25
C LYS A 143 14.95 0.18 13.05
N ALA A 144 14.30 -0.97 13.24
CA ALA A 144 13.04 -1.06 13.97
C ALA A 144 13.24 -0.55 15.39
N THR A 145 12.30 0.25 15.87
CA THR A 145 12.26 0.59 17.28
C THR A 145 11.85 -0.67 18.05
N PRO A 146 12.07 -0.71 19.38
CA PRO A 146 11.58 -1.88 20.13
C PRO A 146 10.09 -2.16 19.90
N PHE A 147 9.27 -1.11 19.89
CA PHE A 147 7.85 -1.29 19.64
C PHE A 147 7.57 -1.85 18.24
N GLN A 148 8.22 -1.30 17.23
CA GLN A 148 8.08 -1.82 15.88
C GLN A 148 8.45 -3.30 15.75
N GLU A 149 9.48 -3.76 16.48
CA GLU A 149 9.75 -5.20 16.55
C GLU A 149 8.52 -5.99 16.98
N LEU A 150 7.83 -5.53 18.02
CA LEU A 150 6.58 -6.16 18.47
C LEU A 150 5.47 -6.12 17.40
N VAL A 151 5.33 -4.97 16.74
CA VAL A 151 4.33 -4.83 15.69
C VAL A 151 4.59 -5.86 14.58
N LEU A 152 5.84 -5.98 14.15
CA LEU A 152 6.15 -6.92 13.06
C LEU A 152 5.87 -8.37 13.46
N LYS A 153 6.22 -8.71 14.71
CA LYS A 153 5.93 -10.05 15.24
C LYS A 153 4.43 -10.28 15.34
N ALA A 154 3.70 -9.30 15.85
CA ALA A 154 2.23 -9.42 15.94
C ALA A 154 1.61 -9.57 14.54
N ALA A 155 2.11 -8.81 13.57
CA ALA A 155 1.64 -8.94 12.17
C ALA A 155 1.86 -10.36 11.64
N ALA A 156 3.06 -10.89 11.86
CA ALA A 156 3.38 -12.28 11.48
C ALA A 156 2.42 -13.28 12.12
N ARG A 157 2.18 -13.12 13.41
CA ARG A 157 1.26 -14.00 14.11
C ARG A 157 -0.16 -13.91 13.58
N ALA A 158 -0.64 -12.69 13.36
CA ALA A 158 -1.98 -12.49 12.79
C ALA A 158 -2.10 -13.06 11.39
N SER A 159 -1.06 -12.87 10.57
CA SER A 159 -1.02 -13.44 9.23
C SER A 159 -1.08 -14.96 9.29
N LEU A 160 -0.24 -15.57 10.13
CA LEU A 160 -0.25 -17.03 10.28
C LEU A 160 -1.61 -17.58 10.70
N ALA A 161 -2.29 -16.86 11.59
CA ALA A 161 -3.62 -17.28 12.04
C ALA A 161 -4.74 -17.10 11.03
N THR A 162 -4.57 -16.19 10.07
CA THR A 162 -5.68 -15.82 9.14
C THR A 162 -5.37 -16.03 7.64
N GLY A 163 -4.10 -16.18 7.27
CA GLY A 163 -3.67 -16.29 5.87
C GLY A 163 -3.60 -14.96 5.11
N VAL A 164 -3.99 -13.89 5.79
CA VAL A 164 -3.99 -12.53 5.25
C VAL A 164 -2.52 -12.05 5.12
N PRO A 165 -2.19 -11.40 4.00
CA PRO A 165 -0.80 -10.98 3.78
C PRO A 165 -0.34 -9.78 4.62
N VAL A 166 0.98 -9.58 4.68
CA VAL A 166 1.59 -8.46 5.40
C VAL A 166 2.29 -7.57 4.37
N THR A 167 2.14 -6.27 4.53
CA THR A 167 2.79 -5.33 3.63
C THR A 167 3.47 -4.27 4.47
N THR A 168 4.60 -3.77 3.99
CA THR A 168 5.43 -2.90 4.84
C THR A 168 5.76 -1.56 4.22
N HIS A 169 5.94 -0.59 5.10
CA HIS A 169 6.58 0.67 4.79
C HIS A 169 8.06 0.46 5.13
N THR A 170 8.93 0.92 4.25
CA THR A 170 10.35 0.92 4.57
C THR A 170 10.93 2.28 4.32
N SER A 171 12.07 2.53 4.97
CA SER A 171 13.03 3.47 4.46
C SER A 171 13.95 2.69 3.51
N ALA A 172 13.65 2.71 2.21
CA ALA A 172 14.34 1.83 1.25
C ALA A 172 15.85 2.05 1.21
N SER A 173 16.26 3.31 1.31
CA SER A 173 17.70 3.66 1.24
C SER A 173 18.48 3.06 2.41
N GLN A 174 17.78 2.74 3.50
CA GLN A 174 18.41 2.15 4.68
C GLN A 174 18.25 0.64 4.67
N ARG A 175 17.64 0.11 3.60
CA ARG A 175 17.51 -1.34 3.41
C ARG A 175 16.76 -2.06 4.54
N ASP A 176 15.73 -1.40 5.07
CA ASP A 176 14.91 -1.91 6.17
C ASP A 176 14.37 -3.31 5.92
N GLY A 177 14.08 -3.60 4.65
CA GLY A 177 13.51 -4.90 4.26
C GLY A 177 14.30 -6.09 4.79
N GLU A 178 15.62 -5.94 4.92
CA GLU A 178 16.44 -7.04 5.43
C GLU A 178 16.10 -7.37 6.89
N GLN A 179 16.06 -6.37 7.76
CA GLN A 179 15.65 -6.61 9.15
C GLN A 179 14.18 -7.04 9.24
N GLN A 180 13.31 -6.40 8.49
CA GLN A 180 11.90 -6.78 8.49
C GLN A 180 11.73 -8.28 8.15
N ALA A 181 12.39 -8.70 7.06
CA ALA A 181 12.47 -10.12 6.68
C ALA A 181 12.98 -10.99 7.84
N ALA A 182 14.07 -10.60 8.50
CA ALA A 182 14.62 -11.38 9.60
C ALA A 182 13.60 -11.55 10.74
N ILE A 183 12.92 -10.46 11.10
CA ILE A 183 11.89 -10.52 12.14
C ILE A 183 10.71 -11.41 11.73
N PHE A 184 10.18 -11.23 10.51
CA PHE A 184 9.09 -12.07 10.03
C PHE A 184 9.48 -13.55 10.01
N GLU A 185 10.68 -13.86 9.51
CA GLU A 185 11.10 -15.25 9.44
C GLU A 185 11.30 -15.83 10.83
N SER A 186 11.74 -15.00 11.77
CA SER A 186 11.89 -15.42 13.17
C SER A 186 10.55 -15.87 13.77
N GLU A 187 9.44 -15.41 13.18
CA GLU A 187 8.10 -15.83 13.60
C GLU A 187 7.53 -16.94 12.71
N GLY A 188 8.33 -17.37 11.73
CA GLY A 188 7.94 -18.47 10.83
C GLY A 188 7.00 -18.06 9.71
N LEU A 189 6.92 -16.77 9.40
CA LEU A 189 6.05 -16.29 8.32
C LEU A 189 6.70 -16.55 6.97
N SER A 190 5.92 -17.04 6.00
CA SER A 190 6.41 -17.25 4.63
C SER A 190 6.64 -15.91 3.90
N PRO A 191 7.85 -15.75 3.30
CA PRO A 191 8.13 -14.54 2.48
C PRO A 191 7.06 -14.24 1.41
N SER A 192 6.41 -15.28 0.90
CA SER A 192 5.32 -15.10 -0.08
C SER A 192 4.07 -14.42 0.50
N ARG A 193 4.03 -14.27 1.82
CA ARG A 193 2.93 -13.55 2.48
C ARG A 193 3.31 -12.10 2.75
N VAL A 194 4.51 -11.71 2.31
CA VAL A 194 5.06 -10.41 2.67
C VAL A 194 5.44 -9.57 1.47
N CYS A 195 4.94 -8.33 1.46
CA CYS A 195 5.44 -7.33 0.52
C CYS A 195 6.30 -6.29 1.23
N ILE A 196 7.53 -6.14 0.76
CA ILE A 196 8.44 -5.12 1.26
C ILE A 196 8.24 -3.87 0.41
N GLY A 197 7.57 -2.90 1.01
CA GLY A 197 7.08 -1.74 0.26
C GLY A 197 8.05 -0.59 0.17
N HIS A 198 7.68 0.37 -0.68
CA HIS A 198 8.50 1.55 -1.01
C HIS A 198 9.85 1.16 -1.56
N SER A 199 9.92 -0.02 -2.15
CA SER A 199 11.19 -0.55 -2.65
C SER A 199 11.67 0.15 -3.92
N ASP A 200 10.77 0.83 -4.60
CA ASP A 200 11.17 1.69 -5.73
C ASP A 200 11.80 3.04 -5.28
N ASP A 201 11.86 3.28 -3.97
CA ASP A 201 12.58 4.46 -3.44
C ASP A 201 14.12 4.27 -3.49
N THR A 202 14.58 3.10 -3.92
CA THR A 202 16.01 2.85 -4.07
C THR A 202 16.29 2.21 -5.41
N ASP A 203 17.49 2.44 -5.94
CA ASP A 203 17.95 1.71 -7.14
C ASP A 203 18.91 0.59 -6.76
N ASP A 204 19.01 0.29 -5.47
CA ASP A 204 19.89 -0.79 -5.04
C ASP A 204 19.31 -2.16 -5.40
N LEU A 205 19.64 -2.63 -6.61
CA LEU A 205 19.14 -3.93 -7.05
C LEU A 205 19.77 -5.11 -6.31
N SER A 206 20.88 -4.91 -5.61
CA SER A 206 21.46 -5.99 -4.80
C SER A 206 20.48 -6.26 -3.66
N TYR A 207 20.08 -5.18 -3.01
CA TYR A 207 19.08 -5.23 -1.95
C TYR A 207 17.76 -5.84 -2.47
N LEU A 208 17.27 -5.34 -3.60
CA LEU A 208 15.95 -5.75 -4.12
C LEU A 208 15.95 -7.20 -4.61
N THR A 209 16.98 -7.59 -5.36
CA THR A 209 17.05 -8.97 -5.83
C THR A 209 17.34 -9.93 -4.68
N GLY A 210 18.06 -9.47 -3.66
CA GLY A 210 18.26 -10.27 -2.43
C GLY A 210 16.94 -10.69 -1.80
N LEU A 211 16.05 -9.72 -1.63
CA LEU A 211 14.69 -9.97 -1.13
C LEU A 211 13.87 -10.84 -2.08
N ALA A 212 13.83 -10.49 -3.37
CA ALA A 212 13.06 -11.26 -4.35
C ALA A 212 13.52 -12.73 -4.40
N ALA A 213 14.84 -12.95 -4.39
CA ALA A 213 15.39 -14.32 -4.38
C ALA A 213 14.90 -15.14 -3.19
N ARG A 214 14.65 -14.46 -2.08
CA ARG A 214 14.12 -15.11 -0.87
C ARG A 214 12.59 -15.34 -0.90
N GLY A 215 11.93 -14.81 -1.93
CA GLY A 215 10.51 -15.08 -2.13
C GLY A 215 9.60 -13.95 -1.69
N TYR A 216 10.18 -12.87 -1.18
CA TYR A 216 9.42 -11.66 -0.87
C TYR A 216 8.82 -11.03 -2.11
N LEU A 217 7.64 -10.45 -1.94
CA LEU A 217 7.09 -9.52 -2.92
C LEU A 217 7.78 -8.18 -2.70
N VAL A 218 8.12 -7.54 -3.81
CA VAL A 218 8.85 -6.29 -3.80
C VAL A 218 7.85 -5.22 -4.28
N GLY A 219 7.46 -4.34 -3.36
CA GLY A 219 6.47 -3.31 -3.65
C GLY A 219 7.12 -2.08 -4.29
N LEU A 220 6.91 -1.95 -5.60
CA LEU A 220 7.38 -0.79 -6.35
C LEU A 220 6.16 0.11 -6.45
N ASP A 221 5.94 0.87 -5.38
CA ASP A 221 4.60 1.34 -5.08
C ASP A 221 4.52 2.85 -4.96
N ARG A 222 5.55 3.56 -5.42
CA ARG A 222 5.53 5.02 -5.37
CA ARG A 222 5.55 5.02 -5.38
C ARG A 222 5.81 5.59 -6.77
N MET A 223 5.28 4.90 -7.78
CA MET A 223 5.55 5.23 -9.19
C MET A 223 5.54 6.73 -9.55
N PRO A 224 4.50 7.49 -9.14
CA PRO A 224 4.49 8.88 -9.62
C PRO A 224 5.29 9.86 -8.78
N PHE A 225 5.96 9.39 -7.72
CA PHE A 225 6.66 10.26 -6.74
CA PHE A 225 6.61 10.33 -6.82
C PHE A 225 7.95 10.84 -7.32
N SER A 226 7.95 12.14 -7.63
CA SER A 226 9.18 12.80 -8.05
C SER A 226 9.06 14.28 -7.72
N ALA A 227 10.12 14.84 -7.14
CA ALA A 227 10.19 16.28 -6.93
C ALA A 227 11.08 16.96 -7.99
N ILE A 228 11.39 16.25 -9.07
CA ILE A 228 12.08 16.88 -10.20
C ILE A 228 11.25 18.09 -10.66
N GLY A 229 11.88 19.27 -10.65
CA GLY A 229 11.19 20.50 -11.02
C GLY A 229 10.70 21.28 -9.80
N LEU A 230 10.73 20.63 -8.65
CA LEU A 230 10.23 21.21 -7.41
C LEU A 230 11.33 21.27 -6.36
N GLU A 231 12.59 21.25 -6.80
CA GLU A 231 13.71 21.15 -5.86
C GLU A 231 13.73 22.28 -4.81
N GLY A 232 13.10 23.41 -5.14
CA GLY A 232 12.98 24.52 -4.18
C GLY A 232 11.97 24.28 -3.06
N ASN A 233 11.13 23.26 -3.22
CA ASN A 233 10.16 22.87 -2.20
C ASN A 233 10.74 21.77 -1.33
N ALA A 234 11.26 22.15 -0.16
CA ALA A 234 11.96 21.22 0.73
C ALA A 234 11.13 20.03 1.20
N SER A 235 9.88 20.26 1.57
CA SER A 235 9.01 19.18 2.05
C SER A 235 8.69 18.18 0.92
N ALA A 236 8.46 18.70 -0.28
CA ALA A 236 8.23 17.84 -1.46
C ALA A 236 9.48 17.06 -1.86
N LEU A 237 10.63 17.74 -1.83
CA LEU A 237 11.92 17.10 -2.06
C LEU A 237 12.12 15.92 -1.12
N ALA A 238 11.88 16.14 0.17
CA ALA A 238 12.15 15.12 1.18
C ALA A 238 11.23 13.91 1.00
N LEU A 239 9.98 14.17 0.62
CA LEU A 239 8.99 13.10 0.55
C LEU A 239 9.06 12.37 -0.78
N PHE A 240 9.19 13.13 -1.86
CA PHE A 240 9.14 12.58 -3.23
C PHE A 240 10.46 12.12 -3.85
N GLY A 241 11.58 12.67 -3.37
CA GLY A 241 12.90 12.34 -3.95
C GLY A 241 13.19 13.01 -5.28
N THR A 242 14.34 12.72 -5.86
CA THR A 242 14.76 13.38 -7.10
C THR A 242 14.88 12.42 -8.29
N ARG A 243 14.30 11.23 -8.17
CA ARG A 243 14.34 10.26 -9.26
C ARG A 243 13.03 10.35 -10.05
N SER A 244 13.11 10.21 -11.37
CA SER A 244 11.92 10.31 -12.23
C SER A 244 11.04 9.08 -12.09
N TRP A 245 9.78 9.20 -12.51
CA TRP A 245 8.89 8.04 -12.59
C TRP A 245 9.46 6.98 -13.53
N GLN A 246 10.11 7.41 -14.62
CA GLN A 246 10.72 6.47 -15.56
C GLN A 246 11.81 5.65 -14.87
N THR A 247 12.63 6.32 -14.04
CA THR A 247 13.64 5.64 -13.21
C THR A 247 13.01 4.60 -12.27
N ARG A 248 11.91 4.97 -11.60
CA ARG A 248 11.19 4.02 -10.77
C ARG A 248 10.65 2.88 -11.62
N ALA A 249 10.00 3.22 -12.73
CA ALA A 249 9.42 2.21 -13.62
C ALA A 249 10.47 1.23 -14.17
N LEU A 250 11.68 1.74 -14.43
CA LEU A 250 12.79 0.88 -14.88
C LEU A 250 13.09 -0.26 -13.92
N LEU A 251 12.84 -0.04 -12.64
CA LEU A 251 13.00 -1.12 -11.66
C LEU A 251 12.08 -2.31 -11.90
N ILE A 252 10.85 -2.04 -12.38
CA ILE A 252 9.92 -3.11 -12.75
C ILE A 252 10.57 -3.94 -13.86
N LYS A 253 11.03 -3.27 -14.91
CA LYS A 253 11.74 -3.97 -15.99
C LYS A 253 13.01 -4.68 -15.49
N ALA A 254 13.79 -4.03 -14.63
CA ALA A 254 15.03 -4.62 -14.09
C ALA A 254 14.76 -5.95 -13.38
N LEU A 255 13.72 -5.98 -12.53
CA LEU A 255 13.36 -7.19 -11.83
C LEU A 255 12.82 -8.26 -12.78
N ILE A 256 12.02 -7.86 -13.77
CA ILE A 256 11.51 -8.81 -14.77
C ILE A 256 12.70 -9.41 -15.54
N ASP A 257 13.62 -8.55 -15.95
CA ASP A 257 14.83 -8.97 -16.68
C ASP A 257 15.72 -9.91 -15.85
N ARG A 258 15.58 -9.88 -14.54
CA ARG A 258 16.38 -10.74 -13.68
C ARG A 258 15.62 -11.98 -13.17
N GLY A 259 14.45 -12.22 -13.78
CA GLY A 259 13.66 -13.42 -13.55
C GLY A 259 12.60 -13.28 -12.45
N TYR A 260 12.35 -12.05 -12.00
CA TYR A 260 11.52 -11.88 -10.81
C TYR A 260 10.15 -11.30 -11.11
N LYS A 261 9.62 -11.54 -12.31
CA LYS A 261 8.32 -10.99 -12.68
C LYS A 261 7.20 -11.34 -11.69
N ASP A 262 7.25 -12.54 -11.09
CA ASP A 262 6.21 -12.98 -10.16
C ASP A 262 6.35 -12.41 -8.75
N ARG A 263 7.43 -11.64 -8.52
CA ARG A 263 7.73 -11.07 -7.19
C ARG A 263 7.45 -9.57 -7.12
N ILE A 264 6.83 -9.02 -8.15
CA ILE A 264 6.67 -7.58 -8.23
C ILE A 264 5.23 -7.17 -7.99
N LEU A 265 5.06 -6.17 -7.11
CA LEU A 265 3.76 -5.49 -6.98
C LEU A 265 3.92 -4.00 -7.26
N VAL A 266 3.01 -3.45 -8.05
CA VAL A 266 3.15 -2.08 -8.54
C VAL A 266 2.00 -1.24 -8.03
N SER A 267 2.32 -0.02 -7.59
CA SER A 267 1.29 0.88 -7.09
C SER A 267 1.77 2.34 -7.11
N HIS A 268 0.96 3.25 -6.56
CA HIS A 268 1.30 4.68 -6.54
C HIS A 268 1.56 5.24 -5.15
N ASP A 269 0.97 4.63 -4.12
CA ASP A 269 0.94 5.24 -2.78
C ASP A 269 0.23 6.59 -2.86
N TRP A 270 -0.80 6.66 -3.71
CA TRP A 270 -1.56 7.87 -3.89
C TRP A 270 -2.60 8.02 -2.78
N LEU A 271 -3.25 9.18 -2.77
CA LEU A 271 -4.33 9.48 -1.81
C LEU A 271 -5.12 10.68 -2.30
N PHE A 272 -6.29 10.89 -1.71
CA PHE A 272 -7.14 12.01 -2.11
C PHE A 272 -7.25 13.07 -1.00
N GLY A 273 -6.79 12.70 0.19
CA GLY A 273 -6.55 13.65 1.28
C GLY A 273 -5.30 13.29 2.04
N PHE A 274 -4.64 14.26 2.67
CA PHE A 274 -3.33 14.00 3.24
C PHE A 274 -3.08 14.99 4.37
N SER A 275 -3.40 14.60 5.59
CA SER A 275 -3.27 15.51 6.74
C SER A 275 -2.03 15.25 7.61
N SER A 276 -1.41 14.08 7.43
CA SER A 276 -0.24 13.68 8.25
C SER A 276 1.08 14.30 7.77
N TYR A 277 1.01 15.17 6.77
CA TYR A 277 2.21 15.89 6.33
C TYR A 277 1.95 17.39 6.27
N VAL A 278 2.72 18.12 5.48
CA VAL A 278 2.53 19.58 5.42
C VAL A 278 1.20 19.94 4.76
N THR A 279 0.64 21.07 5.18
CA THR A 279 -0.62 21.53 4.65
C THR A 279 -0.46 21.77 3.16
N ASN A 280 -1.48 21.50 2.36
CA ASN A 280 -1.37 21.71 0.89
C ASN A 280 -0.39 20.77 0.12
N ILE A 281 0.18 19.76 0.79
CA ILE A 281 0.93 18.73 0.08
C ILE A 281 0.04 18.04 -0.98
N MET A 282 -1.26 17.92 -0.70
CA MET A 282 -2.19 17.31 -1.65
C MET A 282 -2.26 18.12 -2.97
N ASP A 283 -2.23 19.45 -2.87
CA ASP A 283 -2.22 20.28 -4.07
C ASP A 283 -0.93 20.11 -4.88
N VAL A 284 0.21 19.98 -4.21
CA VAL A 284 1.49 19.73 -4.88
C VAL A 284 1.43 18.38 -5.62
N MET A 285 0.98 17.35 -4.92
CA MET A 285 0.83 16.02 -5.52
C MET A 285 -0.11 15.99 -6.73
N ASP A 286 -1.26 16.65 -6.62
CA ASP A 286 -2.21 16.69 -7.73
C ASP A 286 -1.66 17.39 -8.98
N ARG A 287 -0.74 18.33 -8.76
CA ARG A 287 -0.05 19.01 -9.86
C ARG A 287 1.00 18.11 -10.51
N ILE A 288 1.77 17.40 -9.70
CA ILE A 288 2.76 16.44 -10.19
C ILE A 288 2.05 15.32 -10.98
N ASN A 289 0.94 14.82 -10.47
CA ASN A 289 0.25 13.66 -11.06
C ASN A 289 -1.28 13.79 -11.09
N PRO A 290 -1.81 14.59 -12.03
CA PRO A 290 -3.27 14.74 -12.07
C PRO A 290 -4.01 13.44 -12.40
N ASP A 291 -3.33 12.49 -13.02
CA ASP A 291 -3.93 11.17 -13.25
C ASP A 291 -4.16 10.34 -11.98
N GLY A 292 -3.55 10.73 -10.87
CA GLY A 292 -3.81 10.03 -9.61
C GLY A 292 -3.50 8.54 -9.75
N MET A 293 -4.49 7.71 -9.43
CA MET A 293 -4.34 6.25 -9.44
C MET A 293 -4.53 5.63 -10.83
N ALA A 294 -4.78 6.47 -11.83
CA ALA A 294 -4.72 6.03 -13.24
C ALA A 294 -3.31 6.14 -13.83
N PHE A 295 -2.37 6.73 -13.09
CA PHE A 295 -1.01 6.92 -13.61
C PHE A 295 -0.33 5.62 -14.03
N VAL A 296 -0.44 4.57 -13.19
CA VAL A 296 0.18 3.30 -13.54
C VAL A 296 -0.31 2.75 -14.91
N PRO A 297 -1.63 2.52 -15.06
CA PRO A 297 -2.11 2.04 -16.36
C PRO A 297 -1.88 2.98 -17.54
N LEU A 298 -1.91 4.29 -17.32
CA LEU A 298 -1.79 5.24 -18.43
C LEU A 298 -0.36 5.50 -18.86
N ARG A 299 0.57 5.51 -17.90
CA ARG A 299 1.94 5.90 -18.18
C ARG A 299 2.93 4.77 -18.00
N VAL A 300 2.88 4.10 -16.86
CA VAL A 300 3.87 3.06 -16.53
C VAL A 300 3.73 1.82 -17.43
N ILE A 301 2.52 1.32 -17.58
CA ILE A 301 2.31 0.10 -18.35
C ILE A 301 2.73 0.28 -19.82
N PRO A 302 2.27 1.37 -20.48
CA PRO A 302 2.76 1.63 -21.85
C PRO A 302 4.28 1.85 -21.98
N PHE A 303 4.88 2.55 -21.01
CA PHE A 303 6.35 2.71 -20.96
C PHE A 303 7.03 1.32 -20.99
N LEU A 304 6.54 0.41 -20.15
CA LEU A 304 7.09 -0.95 -20.10
C LEU A 304 6.87 -1.73 -21.41
N ARG A 305 5.66 -1.62 -21.97
CA ARG A 305 5.36 -2.25 -23.25
C ARG A 305 6.34 -1.75 -24.33
N GLU A 306 6.54 -0.44 -24.36
CA GLU A 306 7.44 0.15 -25.36
C GLU A 306 8.89 -0.25 -25.15
N LYS A 307 9.24 -0.56 -23.90
CA LYS A 307 10.58 -1.11 -23.61
C LYS A 307 10.66 -2.63 -23.87
N GLY A 308 9.61 -3.22 -24.41
CA GLY A 308 9.64 -4.62 -24.81
C GLY A 308 9.05 -5.62 -23.83
N VAL A 309 8.49 -5.16 -22.71
CA VAL A 309 7.85 -6.10 -21.78
C VAL A 309 6.54 -6.58 -22.41
N PRO A 310 6.38 -7.92 -22.57
CA PRO A 310 5.21 -8.52 -23.22
C PRO A 310 3.94 -8.26 -22.39
N PRO A 311 2.78 -8.15 -23.06
CA PRO A 311 1.50 -7.93 -22.35
C PRO A 311 1.18 -9.01 -21.33
N GLU A 312 1.49 -10.27 -21.61
CA GLU A 312 1.22 -11.35 -20.64
C GLU A 312 2.01 -11.13 -19.35
N THR A 313 3.22 -10.59 -19.47
CA THR A 313 4.05 -10.32 -18.30
C THR A 313 3.43 -9.17 -17.49
N LEU A 314 2.97 -8.14 -18.20
CA LEU A 314 2.35 -6.99 -17.56
C LEU A 314 1.03 -7.39 -16.87
N ALA A 315 0.23 -8.22 -17.53
CA ALA A 315 -0.95 -8.82 -16.90
C ALA A 315 -0.60 -9.63 -15.66
N GLY A 316 0.49 -10.38 -15.73
CA GLY A 316 0.96 -11.18 -14.58
C GLY A 316 1.28 -10.29 -13.38
N VAL A 317 1.96 -9.18 -13.64
CA VAL A 317 2.36 -8.27 -12.55
C VAL A 317 1.15 -7.56 -11.92
N THR A 318 0.22 -7.11 -12.75
CA THR A 318 -0.89 -6.25 -12.27
C THR A 318 -2.16 -7.00 -11.89
N VAL A 319 -2.27 -8.24 -12.33
CA VAL A 319 -3.45 -9.05 -12.00
C VAL A 319 -3.08 -10.30 -11.20
N ALA A 320 -2.21 -11.14 -11.76
CA ALA A 320 -1.90 -12.42 -11.13
C ALA A 320 -1.16 -12.26 -9.79
N ASN A 321 -0.16 -11.38 -9.74
CA ASN A 321 0.60 -11.19 -8.49
C ASN A 321 -0.29 -10.69 -7.32
N PRO A 322 -1.06 -9.60 -7.53
CA PRO A 322 -1.97 -9.20 -6.44
C PRO A 322 -2.97 -10.29 -6.01
N ALA A 323 -3.50 -11.05 -6.98
CA ALA A 323 -4.48 -12.10 -6.68
C ALA A 323 -3.86 -13.15 -5.75
N ARG A 324 -2.66 -13.59 -6.12
CA ARG A 324 -1.88 -14.56 -5.34
C ARG A 324 -1.52 -14.00 -3.96
N PHE A 325 -1.14 -12.72 -3.93
CA PHE A 325 -0.78 -12.06 -2.67
C PHE A 325 -1.98 -11.92 -1.72
N LEU A 326 -3.11 -11.43 -2.25
CA LEU A 326 -4.28 -11.14 -1.43
C LEU A 326 -5.06 -12.37 -0.98
N SER A 327 -5.07 -13.40 -1.83
CA SER A 327 -5.77 -14.65 -1.51
C SER A 327 -5.23 -15.20 -0.18
N PRO A 328 -6.10 -15.34 0.84
CA PRO A 328 -5.63 -15.83 2.13
C PRO A 328 -5.07 -17.23 1.99
N THR A 329 -3.87 -17.41 2.51
CA THR A 329 -2.99 -18.53 2.22
C THR A 329 -2.20 -18.87 3.47
CO CO B . 1.32 4.44 1.97
CO CO C . 4.62 4.27 3.61
O1 EPL D . 4.06 7.56 4.54
O1 EPL D . 2.41 5.73 2.56
P EPL D . 3.10 8.68 3.92
P EPL D . 2.90 6.69 3.61
O2 EPL D . 2.75 8.35 2.38
O2 EPL D . 3.54 8.00 2.92
C8 EPL D . 2.90 9.27 1.28
C8 EPL D . 3.71 8.20 1.53
C9 EPL D . 4.07 8.91 0.40
C9 EPL D . 3.65 9.67 1.21
O4 EPL D . 1.68 8.82 4.68
O4 EPL D . 1.74 7.49 4.35
C10 EPL D . 0.44 8.82 3.99
C10 EPL D . 0.38 7.35 4.04
C11 EPL D . -0.37 7.59 4.37
C11 EPL D . -0.14 6.67 5.27
O3 EPL D . 3.78 10.15 3.95
O3 EPL D . 4.01 6.28 4.58
O3 EPL D . 4.24 10.07 5.07
C4 EPL D . 4.24 10.75 5.09
C4 EPL D . 4.86 10.86 6.00
C2 EPL D . 5.61 11.01 5.22
C2 EPL D . 6.25 10.90 6.04
C3 EPL D . 6.12 11.62 6.36
C3 EPL D . 6.91 11.70 6.97
C1 EPL D . 5.24 11.99 7.39
C1 EPL D . 6.17 12.46 7.87
O5 EPL D . 5.71 12.62 8.52
O5 EPL D . 6.81 13.25 8.79
C7 EPL D . 6.68 11.99 9.37
C7 EPL D . 7.40 12.69 9.96
C5 EPL D . 3.88 11.75 7.26
C5 EPL D . 4.77 12.42 7.82
C6 EPL D . 3.38 11.13 6.11
C6 EPL D . 4.11 11.62 6.89
#